data_1YVX
#
_entry.id   1YVX
#
_cell.length_a   61.113
_cell.length_b   214.817
_cell.length_c   124.411
_cell.angle_alpha   90.00
_cell.angle_beta   90.00
_cell.angle_gamma   90.00
#
_symmetry.space_group_name_H-M   'C 2 2 21'
#
loop_
_entity.id
_entity.type
_entity.pdbx_description
1 polymer 'RNA dependent RNA polymerase'
2 non-polymer 'SULFATE ION'
3 non-polymer '3-[ISOPROPYL(4-METHYLBENZOYL)AMINO]-5-PHENYLTHIOPHENE-2-CARBOXYLIC ACID'
4 water water
#
_entity_poly.entity_id   1
_entity_poly.type   'polypeptide(L)'
_entity_poly.pdbx_seq_one_letter_code
;SMSYSWTGALITPCSPEEEKLPINPLSNSLLRYHNKVYCTTSKSASLRAKKVTFDRMQVLDAYYDSVLKDIKLAASKVSA
RLLTLEEACQLTPPHSARSKYGFGAKEVRSLSGRAVNHIKSVWKDLLEDSQTPIPTTIMAKNEVFCVDPTKGGKKAARLI
VYPDLGVRVCEKMALYDVTQKLPQAVMGASYGFQYSPAQRVEFLLKAWAEKKDPMGFSYDTRCFDSTVTERDIRTEESIY
QACSLPEEARTAIHSLTERLYVGGPMFNSKGQSCGYRRCRASGVLTTSMGNTITCYVKALAACKAAGIVAPTMLVCGDDL
VVISESQGTEEDERNLRAFTEAMTRYSAPPGDPPRPEYDLELITSCSSNVSVALGPQGRRRYYLTRDPTTPIARAAWETV
RHSPVNSWLGNIIQYAPTIWVRMVLMTHFFSILMAQDTLDQNLNFEMYGSVYSVSPLDLPAIIERLHGLDAFSLHTYTPH
ELTRVASALRKLGAPPLRAWKSRARAVRASLISRGGRAAVCGRYLFNWAVKTKLKLTPLPEARLLDLSSWFTVGAGGGDI
YHSVSRARPR
;
_entity_poly.pdbx_strand_id   A
#
loop_
_chem_comp.id
_chem_comp.type
_chem_comp.name
_chem_comp.formula
IPC non-polymer '3-[ISOPROPYL(4-METHYLBENZOYL)AMINO]-5-PHENYLTHIOPHENE-2-CARBOXYLIC ACID' 'C22 H21 N O3 S'
SO4 non-polymer 'SULFATE ION' 'O4 S -2'
#
# COMPACT_ATOMS: atom_id res chain seq x y z
N SER A 1 28.68 5.99 0.50
CA SER A 1 27.65 5.03 0.95
C SER A 1 26.52 5.77 1.65
N MET A 2 26.43 7.07 1.40
CA MET A 2 25.39 7.90 1.99
C MET A 2 24.12 7.82 1.13
N SER A 3 22.96 7.61 1.76
CA SER A 3 21.71 7.50 1.03
C SER A 3 21.43 8.74 0.17
N TYR A 4 21.69 9.92 0.73
CA TYR A 4 21.50 11.19 0.00
C TYR A 4 22.59 12.20 0.34
N SER A 5 22.78 13.16 -0.55
CA SER A 5 23.69 14.27 -0.37
C SER A 5 22.81 15.48 -0.68
N TRP A 6 22.81 16.50 0.17
CA TRP A 6 21.96 17.66 -0.06
C TRP A 6 22.75 18.93 -0.34
N THR A 7 22.22 19.77 -1.22
CA THR A 7 22.86 21.03 -1.58
C THR A 7 22.55 22.11 -0.53
N GLY A 8 21.38 22.01 0.09
CA GLY A 8 20.97 23.00 1.06
C GLY A 8 19.66 23.64 0.61
N ALA A 9 19.35 23.50 -0.67
CA ALA A 9 18.08 24.04 -1.18
C ALA A 9 16.97 23.30 -0.46
N LEU A 10 15.82 23.95 -0.31
CA LEU A 10 14.71 23.33 0.40
C LEU A 10 13.81 22.51 -0.50
N ILE A 11 13.07 21.61 0.11
CA ILE A 11 12.11 20.79 -0.61
C ILE A 11 10.88 21.68 -0.55
N THR A 12 10.51 22.22 -1.70
CA THR A 12 9.40 23.16 -1.80
C THR A 12 8.09 22.58 -2.33
N PRO A 13 6.97 23.21 -1.97
CA PRO A 13 5.65 22.77 -2.41
C PRO A 13 5.30 23.36 -3.77
N CYS A 14 4.29 22.81 -4.43
CA CYS A 14 3.86 23.34 -5.72
C CYS A 14 2.71 24.32 -5.48
N SER A 15 1.72 23.85 -4.74
CA SER A 15 0.56 24.66 -4.41
C SER A 15 0.48 24.79 -2.88
N PRO A 16 -0.26 25.78 -2.38
CA PRO A 16 -0.37 25.93 -0.93
C PRO A 16 -0.81 24.63 -0.27
N GLU A 17 -0.27 24.35 0.92
CA GLU A 17 -0.60 23.12 1.63
C GLU A 17 -1.30 23.42 2.95
N GLU A 18 -2.30 22.61 3.27
CA GLU A 18 -3.04 22.76 4.52
C GLU A 18 -2.79 21.53 5.37
N GLU A 19 -2.23 21.72 6.56
CA GLU A 19 -1.95 20.61 7.45
C GLU A 19 -3.06 20.40 8.47
N LYS A 20 -3.68 21.49 8.90
CA LYS A 20 -4.77 21.41 9.86
C LYS A 20 -6.08 21.88 9.21
N LEU A 21 -7.08 21.01 9.25
CA LEU A 21 -8.39 21.26 8.65
C LEU A 21 -9.31 22.15 9.48
N PRO A 22 -10.31 22.78 8.83
CA PRO A 22 -11.28 23.67 9.49
C PRO A 22 -12.26 22.98 10.44
N ILE A 23 -13.32 22.39 9.89
CA ILE A 23 -14.32 21.69 10.70
C ILE A 23 -14.40 20.21 10.35
N ASN A 24 -14.69 19.38 11.37
CA ASN A 24 -14.79 17.93 11.18
C ASN A 24 -16.23 17.44 11.38
N PRO A 25 -16.80 16.80 10.35
CA PRO A 25 -18.17 16.26 10.35
C PRO A 25 -18.29 14.81 10.83
N LEU A 26 -17.19 14.07 10.82
CA LEU A 26 -17.21 12.68 11.26
C LEU A 26 -17.17 12.64 12.78
N SER A 27 -16.15 13.28 13.36
CA SER A 27 -16.02 13.35 14.82
C SER A 27 -17.05 14.37 15.28
N ASN A 28 -18.26 14.27 14.72
CA ASN A 28 -19.36 15.17 15.02
C ASN A 28 -20.33 14.56 16.01
N SER A 29 -20.79 15.38 16.94
CA SER A 29 -21.74 14.98 17.97
C SER A 29 -22.18 16.25 18.66
N LEU A 30 -23.48 16.51 18.69
CA LEU A 30 -24.03 17.70 19.30
C LEU A 30 -23.10 18.40 20.30
N LEU A 31 -22.98 17.84 21.50
CA LEU A 31 -22.14 18.43 22.53
C LEU A 31 -20.68 17.99 22.54
N ARG A 32 -20.31 17.06 21.67
CA ARG A 32 -18.94 16.58 21.60
C ARG A 32 -18.30 16.75 20.22
N TYR A 33 -17.38 17.70 20.11
CA TYR A 33 -16.69 17.96 18.84
C TYR A 33 -15.18 18.07 18.99
N HIS A 34 -14.46 17.45 18.05
CA HIS A 34 -13.01 17.48 18.06
C HIS A 34 -12.46 17.47 16.63
N ASN A 35 -11.15 17.67 16.52
CA ASN A 35 -10.46 17.68 15.24
C ASN A 35 -8.97 17.43 15.50
N LYS A 36 -8.64 16.17 15.80
CA LYS A 36 -7.28 15.77 16.09
C LYS A 36 -6.59 15.15 14.88
N VAL A 37 -6.93 15.65 13.70
CA VAL A 37 -6.37 15.14 12.46
C VAL A 37 -5.44 16.17 11.82
N TYR A 38 -4.48 15.71 11.03
CA TYR A 38 -3.55 16.61 10.34
C TYR A 38 -3.10 16.04 9.01
N CYS A 39 -2.41 16.86 8.23
CA CYS A 39 -1.90 16.44 6.93
C CYS A 39 -0.43 16.83 6.86
N THR A 40 0.42 15.91 6.42
CA THR A 40 1.84 16.20 6.31
C THR A 40 2.04 17.19 5.17
N THR A 41 3.01 18.10 5.33
CA THR A 41 3.30 19.09 4.30
C THR A 41 4.80 19.33 4.17
N SER A 42 5.15 20.18 3.21
CA SER A 42 6.55 20.56 2.94
C SER A 42 7.27 21.06 4.19
N LYS A 43 6.52 21.63 5.12
CA LYS A 43 7.12 22.18 6.34
C LYS A 43 7.94 21.19 7.16
N SER A 44 7.63 19.90 7.05
CA SER A 44 8.38 18.89 7.81
C SER A 44 9.36 18.14 6.91
N ALA A 45 9.49 18.58 5.66
CA ALA A 45 10.39 17.93 4.70
C ALA A 45 11.82 17.81 5.17
N SER A 46 12.34 18.85 5.82
CA SER A 46 13.71 18.84 6.31
C SER A 46 13.90 17.80 7.41
N LEU A 47 12.87 17.62 8.24
CA LEU A 47 12.96 16.64 9.31
C LEU A 47 13.03 15.25 8.70
N ARG A 48 12.22 15.02 7.67
CA ARG A 48 12.22 13.72 7.02
C ARG A 48 13.60 13.51 6.37
N ALA A 49 14.10 14.54 5.68
CA ALA A 49 15.39 14.44 5.02
C ALA A 49 16.49 14.00 5.97
N LYS A 50 16.47 14.55 7.18
CA LYS A 50 17.47 14.20 8.18
C LYS A 50 17.36 12.73 8.55
N LYS A 51 16.13 12.27 8.77
CA LYS A 51 15.88 10.89 9.14
C LYS A 51 16.34 9.88 8.09
N VAL A 52 16.09 10.18 6.82
CA VAL A 52 16.44 9.23 5.75
C VAL A 52 17.84 9.39 5.16
N THR A 53 18.63 10.28 5.74
CA THR A 53 19.99 10.52 5.26
C THR A 53 21.02 9.91 6.21
N PHE A 54 21.63 8.81 5.79
CA PHE A 54 22.62 8.13 6.61
C PHE A 54 23.52 7.23 5.77
N ASP A 55 24.62 6.79 6.37
CA ASP A 55 25.56 5.92 5.68
C ASP A 55 25.08 4.48 5.76
N ARG A 56 25.16 3.77 4.63
CA ARG A 56 24.76 2.38 4.60
C ARG A 56 26.01 1.51 4.59
N MET A 57 26.11 0.64 5.58
CA MET A 57 27.24 -0.28 5.68
C MET A 57 26.68 -1.63 5.26
N GLN A 58 27.13 -2.11 4.11
CA GLN A 58 26.65 -3.40 3.60
C GLN A 58 27.75 -4.41 3.41
N VAL A 59 27.53 -5.61 3.93
CA VAL A 59 28.47 -6.71 3.80
C VAL A 59 27.66 -7.98 3.59
N LEU A 60 27.87 -8.63 2.46
CA LEU A 60 27.16 -9.85 2.13
C LEU A 60 27.92 -11.08 2.60
N ASP A 61 27.31 -12.26 2.45
CA ASP A 61 27.93 -13.51 2.86
C ASP A 61 27.42 -14.67 2.01
N ALA A 62 27.84 -15.89 2.35
CA ALA A 62 27.46 -17.08 1.61
C ALA A 62 25.97 -17.36 1.62
N TYR A 63 25.28 -17.02 2.70
CA TYR A 63 23.84 -17.25 2.77
C TYR A 63 23.16 -16.38 1.72
N TYR A 64 23.59 -15.13 1.64
CA TYR A 64 23.01 -14.22 0.66
C TYR A 64 23.31 -14.70 -0.76
N ASP A 65 24.57 -15.00 -1.04
CA ASP A 65 24.99 -15.48 -2.35
C ASP A 65 24.13 -16.64 -2.84
N SER A 66 23.91 -17.61 -1.94
CA SER A 66 23.11 -18.79 -2.24
C SER A 66 21.68 -18.45 -2.62
N VAL A 67 21.01 -17.63 -1.82
CA VAL A 67 19.63 -17.25 -2.09
C VAL A 67 19.52 -16.49 -3.42
N LEU A 68 20.46 -15.58 -3.66
CA LEU A 68 20.44 -14.81 -4.91
C LEU A 68 20.59 -15.73 -6.11
N LYS A 69 21.39 -16.78 -5.97
CA LYS A 69 21.58 -17.73 -7.07
C LYS A 69 20.24 -18.43 -7.38
N ASP A 70 19.53 -18.85 -6.33
CA ASP A 70 18.24 -19.51 -6.51
C ASP A 70 17.25 -18.58 -7.20
N ILE A 71 17.24 -17.32 -6.78
CA ILE A 71 16.33 -16.34 -7.35
C ILE A 71 16.60 -16.05 -8.83
N LYS A 72 17.87 -15.96 -9.22
CA LYS A 72 18.18 -15.73 -10.63
C LYS A 72 17.78 -16.95 -11.45
N LEU A 73 17.86 -18.14 -10.84
CA LEU A 73 17.48 -19.35 -11.56
C LEU A 73 15.97 -19.29 -11.79
N ALA A 74 15.22 -18.89 -10.78
CA ALA A 74 13.78 -18.79 -10.88
C ALA A 74 13.40 -17.72 -11.91
N ALA A 75 14.15 -16.62 -11.95
CA ALA A 75 13.88 -15.55 -12.90
C ALA A 75 14.11 -15.99 -14.34
N SER A 76 15.05 -16.90 -14.58
CA SER A 76 15.32 -17.38 -15.93
C SER A 76 14.14 -18.15 -16.53
N LYS A 77 13.14 -18.42 -15.69
CA LYS A 77 11.95 -19.15 -16.12
C LYS A 77 10.90 -18.19 -16.67
N VAL A 78 11.20 -16.90 -16.59
CA VAL A 78 10.29 -15.85 -17.04
C VAL A 78 10.63 -15.25 -18.40
N SER A 79 9.60 -15.00 -19.20
CA SER A 79 9.81 -14.34 -20.49
C SER A 79 8.92 -13.11 -20.43
N ALA A 80 9.41 -11.99 -20.94
CA ALA A 80 8.64 -10.75 -20.92
C ALA A 80 8.84 -9.98 -22.22
N ARG A 81 7.88 -9.15 -22.56
CA ARG A 81 7.95 -8.39 -23.80
C ARG A 81 7.89 -6.89 -23.59
N LEU A 82 8.29 -6.15 -24.61
CA LEU A 82 8.22 -4.70 -24.57
C LEU A 82 6.76 -4.35 -24.76
N LEU A 83 6.32 -3.26 -24.15
CA LEU A 83 4.95 -2.81 -24.35
C LEU A 83 5.07 -1.85 -25.54
N THR A 84 4.00 -1.71 -26.32
CA THR A 84 4.06 -0.79 -27.45
C THR A 84 3.88 0.60 -26.84
N LEU A 85 4.24 1.63 -27.60
CA LEU A 85 4.09 3.00 -27.12
C LEU A 85 2.63 3.23 -26.77
N GLU A 86 1.74 2.72 -27.61
CA GLU A 86 0.29 2.88 -27.39
C GLU A 86 -0.14 2.27 -26.06
N GLU A 87 0.32 1.05 -25.79
CA GLU A 87 -0.03 0.37 -24.55
C GLU A 87 0.50 1.15 -23.34
N ALA A 88 1.74 1.61 -23.43
CA ALA A 88 2.37 2.37 -22.36
C ALA A 88 1.57 3.63 -22.05
N CYS A 89 1.17 4.36 -23.10
CA CYS A 89 0.40 5.58 -22.93
C CYS A 89 -0.95 5.30 -22.27
N GLN A 90 -1.58 4.19 -22.65
CA GLN A 90 -2.87 3.82 -22.10
C GLN A 90 -2.81 3.42 -20.62
N LEU A 91 -1.63 3.05 -20.15
CA LEU A 91 -1.48 2.67 -18.75
C LEU A 91 -1.15 3.90 -17.90
N THR A 92 -1.00 5.04 -18.56
CA THR A 92 -0.71 6.28 -17.85
C THR A 92 -1.99 6.80 -17.21
N PRO A 93 -2.00 6.95 -15.87
CA PRO A 93 -3.21 7.45 -15.21
C PRO A 93 -3.57 8.84 -15.73
N PRO A 94 -4.88 9.13 -15.85
CA PRO A 94 -5.41 10.40 -16.34
C PRO A 94 -4.89 11.71 -15.73
N HIS A 95 -4.46 11.70 -14.47
CA HIS A 95 -3.96 12.94 -13.89
C HIS A 95 -2.53 12.90 -13.36
N SER A 96 -1.70 12.02 -13.90
CA SER A 96 -0.32 11.95 -13.45
C SER A 96 0.38 13.25 -13.84
N ALA A 97 1.28 13.70 -12.99
CA ALA A 97 2.03 14.94 -13.18
C ALA A 97 2.46 15.18 -14.61
N ARG A 98 2.09 16.34 -15.16
CA ARG A 98 2.45 16.68 -16.53
C ARG A 98 3.96 16.76 -16.75
N SER A 99 4.34 16.78 -18.03
CA SER A 99 5.73 16.88 -18.42
C SER A 99 6.14 18.34 -18.53
N LYS A 100 7.44 18.60 -18.43
CA LYS A 100 7.93 19.97 -18.54
C LYS A 100 8.11 20.27 -20.02
N TYR A 101 7.73 19.31 -20.86
CA TYR A 101 7.87 19.46 -22.30
C TYR A 101 6.60 19.78 -23.08
N GLY A 102 5.71 20.56 -22.46
CA GLY A 102 4.49 20.97 -23.13
C GLY A 102 3.31 20.03 -23.28
N PHE A 103 3.23 18.99 -22.46
CA PHE A 103 2.10 18.08 -22.54
C PHE A 103 1.83 17.39 -21.22
N GLY A 104 0.61 16.89 -21.06
CA GLY A 104 0.25 16.21 -19.83
C GLY A 104 -0.29 14.81 -20.06
N ALA A 105 -0.87 14.23 -19.01
CA ALA A 105 -1.43 12.88 -19.08
C ALA A 105 -2.51 12.80 -20.15
N LYS A 106 -3.33 13.84 -20.23
CA LYS A 106 -4.40 13.90 -21.22
C LYS A 106 -3.88 13.63 -22.62
N GLU A 107 -2.81 14.34 -22.99
CA GLU A 107 -2.22 14.19 -24.31
C GLU A 107 -1.54 12.84 -24.51
N VAL A 108 -0.96 12.29 -23.45
CA VAL A 108 -0.31 10.99 -23.54
C VAL A 108 -1.35 9.92 -23.85
N ARG A 109 -2.47 9.97 -23.14
CA ARG A 109 -3.56 9.02 -23.32
C ARG A 109 -4.30 9.16 -24.66
N SER A 110 -4.31 10.37 -25.20
CA SER A 110 -4.97 10.61 -26.48
C SER A 110 -3.96 10.45 -27.62
N LEU A 111 -2.73 10.11 -27.25
CA LEU A 111 -1.66 9.93 -28.22
C LEU A 111 -1.45 11.15 -29.11
N SER A 112 -1.44 12.34 -28.52
CA SER A 112 -1.23 13.56 -29.29
C SER A 112 0.15 13.53 -29.93
N GLY A 113 0.31 14.24 -31.04
CA GLY A 113 1.58 14.27 -31.73
C GLY A 113 2.76 14.73 -30.89
N ARG A 114 2.56 15.81 -30.13
CA ARG A 114 3.63 16.33 -29.29
C ARG A 114 4.11 15.29 -28.29
N ALA A 115 3.17 14.68 -27.57
CA ALA A 115 3.51 13.66 -26.57
C ALA A 115 4.21 12.45 -27.19
N VAL A 116 3.60 11.89 -28.24
CA VAL A 116 4.18 10.73 -28.90
C VAL A 116 5.59 10.97 -29.42
N ASN A 117 5.79 12.09 -30.12
CA ASN A 117 7.11 12.38 -30.65
C ASN A 117 8.14 12.57 -29.54
N HIS A 118 7.73 13.18 -28.43
CA HIS A 118 8.64 13.38 -27.32
C HIS A 118 9.02 12.03 -26.70
N ILE A 119 8.02 11.21 -26.43
CA ILE A 119 8.27 9.90 -25.83
C ILE A 119 9.20 9.08 -26.72
N LYS A 120 9.00 9.16 -28.03
CA LYS A 120 9.85 8.43 -28.97
C LYS A 120 11.30 8.89 -28.87
N SER A 121 11.51 10.19 -28.70
CA SER A 121 12.88 10.71 -28.60
C SER A 121 13.50 10.27 -27.26
N VAL A 122 12.69 10.21 -26.22
CA VAL A 122 13.19 9.78 -24.91
C VAL A 122 13.60 8.30 -25.01
N TRP A 123 12.81 7.50 -25.69
CA TRP A 123 13.13 6.09 -25.83
C TRP A 123 14.42 5.92 -26.62
N LYS A 124 14.54 6.62 -27.74
CA LYS A 124 15.75 6.54 -28.56
C LYS A 124 16.96 6.95 -27.72
N ASP A 125 16.78 7.98 -26.90
CA ASP A 125 17.88 8.45 -26.03
C ASP A 125 18.31 7.36 -25.05
N LEU A 126 17.35 6.59 -24.54
CA LEU A 126 17.68 5.52 -23.60
C LEU A 126 18.50 4.43 -24.27
N LEU A 127 18.22 4.18 -25.55
CA LEU A 127 18.95 3.16 -26.28
C LEU A 127 20.34 3.65 -26.69
N GLU A 128 20.51 4.96 -26.83
CA GLU A 128 21.79 5.55 -27.26
C GLU A 128 22.72 5.95 -26.10
N ASP A 129 22.13 6.29 -24.97
CA ASP A 129 22.91 6.75 -23.81
C ASP A 129 22.58 5.91 -22.58
N SER A 130 23.56 5.19 -22.07
CA SER A 130 23.36 4.36 -20.89
C SER A 130 24.08 4.95 -19.67
N GLN A 131 24.44 6.23 -19.74
CA GLN A 131 25.20 6.85 -18.65
C GLN A 131 24.68 8.15 -18.02
N THR A 132 24.19 9.08 -18.83
CA THR A 132 23.75 10.36 -18.30
C THR A 132 22.62 10.31 -17.28
N PRO A 133 22.90 10.67 -16.02
CA PRO A 133 21.82 10.62 -15.02
C PRO A 133 20.59 11.39 -15.46
N ILE A 134 19.43 10.81 -15.18
CA ILE A 134 18.15 11.42 -15.53
C ILE A 134 17.69 12.20 -14.32
N PRO A 135 17.33 13.47 -14.51
CA PRO A 135 16.87 14.29 -13.39
C PRO A 135 15.53 13.88 -12.79
N THR A 136 15.42 14.06 -11.48
CA THR A 136 14.19 13.74 -10.78
C THR A 136 13.75 14.94 -9.97
N THR A 137 12.46 14.97 -9.67
CA THR A 137 11.88 16.03 -8.86
C THR A 137 11.61 15.42 -7.49
N ILE A 138 11.89 16.17 -6.43
CA ILE A 138 11.61 15.66 -5.10
C ILE A 138 10.52 16.55 -4.49
N MET A 139 9.52 15.91 -3.91
CA MET A 139 8.37 16.61 -3.29
C MET A 139 8.02 15.97 -1.96
N ALA A 140 7.35 16.72 -1.09
CA ALA A 140 6.93 16.17 0.18
C ALA A 140 5.50 15.69 -0.04
N LYS A 141 5.19 14.48 0.40
CA LYS A 141 3.83 13.95 0.25
C LYS A 141 2.87 14.54 1.28
N ASN A 142 1.63 14.81 0.84
CA ASN A 142 0.62 15.35 1.73
C ASN A 142 -0.31 14.19 2.11
N GLU A 143 -0.08 13.62 3.29
CA GLU A 143 -0.90 12.51 3.75
C GLU A 143 -1.55 12.83 5.08
N VAL A 144 -2.78 12.36 5.25
CA VAL A 144 -3.53 12.62 6.48
C VAL A 144 -3.43 11.52 7.53
N PHE A 145 -3.22 11.94 8.77
CA PHE A 145 -3.11 11.01 9.89
C PHE A 145 -3.82 11.60 11.10
N CYS A 146 -3.89 10.81 12.16
CA CYS A 146 -4.50 11.25 13.40
C CYS A 146 -3.37 11.47 14.40
N VAL A 147 -3.42 12.57 15.14
CA VAL A 147 -2.38 12.82 16.12
C VAL A 147 -2.42 11.66 17.12
N ASP A 148 -1.25 11.16 17.49
CA ASP A 148 -1.18 10.06 18.44
C ASP A 148 -0.16 10.40 19.52
N PRO A 149 -0.59 11.15 20.54
CA PRO A 149 0.25 11.57 21.68
C PRO A 149 1.13 10.47 22.25
N THR A 150 0.50 9.38 22.68
CA THR A 150 1.24 8.26 23.27
C THR A 150 2.36 7.76 22.37
N LYS A 151 2.10 7.69 21.07
CA LYS A 151 3.10 7.21 20.12
C LYS A 151 4.05 8.29 19.61
N GLY A 152 4.08 9.43 20.29
CA GLY A 152 4.98 10.50 19.89
C GLY A 152 4.35 11.63 19.08
N GLY A 153 5.21 12.52 18.60
CA GLY A 153 4.75 13.66 17.82
C GLY A 153 4.23 13.30 16.43
N LYS A 154 3.85 14.32 15.67
CA LYS A 154 3.33 14.12 14.32
C LYS A 154 4.39 13.61 13.36
N LYS A 155 3.95 12.77 12.42
CA LYS A 155 4.84 12.21 11.42
C LYS A 155 5.31 13.28 10.45
N ALA A 156 6.56 13.16 10.01
CA ALA A 156 7.11 14.11 9.05
C ALA A 156 6.67 13.61 7.68
N ALA A 157 6.50 14.52 6.72
CA ALA A 157 6.07 14.15 5.39
C ALA A 157 7.03 13.18 4.70
N ARG A 158 6.50 12.19 4.00
CA ARG A 158 7.33 11.26 3.26
C ARG A 158 7.83 12.01 2.02
N LEU A 159 8.98 11.60 1.48
CA LEU A 159 9.51 12.27 0.30
C LEU A 159 9.31 11.44 -0.97
N ILE A 160 8.76 12.06 -2.00
CA ILE A 160 8.52 11.38 -3.27
C ILE A 160 9.52 11.88 -4.30
N VAL A 161 10.18 10.95 -4.99
CA VAL A 161 11.18 11.27 -6.00
C VAL A 161 10.77 10.57 -7.29
N TYR A 162 10.60 11.34 -8.36
CA TYR A 162 10.15 10.79 -9.64
C TYR A 162 10.71 11.55 -10.85
N PRO A 163 10.83 10.86 -12.00
CA PRO A 163 11.34 11.44 -13.24
C PRO A 163 10.19 12.05 -14.06
N ASP A 164 10.52 12.76 -15.14
CA ASP A 164 9.52 13.40 -15.99
C ASP A 164 8.53 12.39 -16.62
N LEU A 165 7.32 12.85 -16.91
CA LEU A 165 6.29 12.02 -17.49
C LEU A 165 6.78 11.24 -18.71
N GLY A 166 7.57 11.88 -19.55
CA GLY A 166 8.10 11.21 -20.74
C GLY A 166 8.90 9.97 -20.39
N VAL A 167 9.70 10.07 -19.32
CA VAL A 167 10.51 8.94 -18.88
C VAL A 167 9.63 7.85 -18.26
N ARG A 168 8.58 8.26 -17.55
CA ARG A 168 7.69 7.29 -16.90
C ARG A 168 6.99 6.38 -17.91
N VAL A 169 6.58 6.94 -19.05
CA VAL A 169 5.93 6.13 -20.08
C VAL A 169 6.95 5.13 -20.61
N CYS A 170 8.19 5.58 -20.81
CA CYS A 170 9.25 4.70 -21.31
C CYS A 170 9.56 3.56 -20.33
N GLU A 171 9.45 3.82 -19.02
CA GLU A 171 9.73 2.77 -18.04
C GLU A 171 8.73 1.63 -18.26
N LYS A 172 7.49 2.01 -18.54
CA LYS A 172 6.45 1.00 -18.77
C LYS A 172 6.72 0.20 -20.03
N MET A 173 7.15 0.85 -21.10
CA MET A 173 7.44 0.11 -22.33
C MET A 173 8.48 -0.97 -22.07
N ALA A 174 9.52 -0.62 -21.32
CA ALA A 174 10.60 -1.54 -21.04
C ALA A 174 10.41 -2.55 -19.91
N LEU A 175 9.71 -2.16 -18.85
CA LEU A 175 9.56 -3.03 -17.67
C LEU A 175 8.18 -3.38 -17.14
N TYR A 176 7.12 -2.84 -17.71
CA TYR A 176 5.80 -3.16 -17.15
C TYR A 176 5.49 -4.65 -17.13
N ASP A 177 5.76 -5.33 -18.24
CA ASP A 177 5.48 -6.76 -18.34
C ASP A 177 6.26 -7.50 -17.25
N VAL A 178 7.52 -7.12 -17.06
CA VAL A 178 8.33 -7.73 -16.02
C VAL A 178 7.70 -7.53 -14.62
N THR A 179 7.22 -6.31 -14.33
CA THR A 179 6.63 -6.04 -13.01
C THR A 179 5.40 -6.90 -12.74
N GLN A 180 4.74 -7.34 -13.81
CA GLN A 180 3.55 -8.16 -13.68
C GLN A 180 3.82 -9.65 -13.56
N LYS A 181 5.05 -10.07 -13.82
CA LYS A 181 5.37 -11.49 -13.79
C LYS A 181 6.50 -11.94 -12.87
N LEU A 182 7.57 -11.15 -12.80
CA LEU A 182 8.75 -11.50 -12.02
C LEU A 182 8.59 -11.81 -10.53
N PRO A 183 7.99 -10.92 -9.75
CA PRO A 183 7.86 -11.22 -8.32
C PRO A 183 7.21 -12.58 -8.01
N GLN A 184 6.08 -12.89 -8.61
CA GLN A 184 5.44 -14.18 -8.35
C GLN A 184 6.31 -15.35 -8.80
N ALA A 185 7.06 -15.15 -9.88
CA ALA A 185 7.92 -16.20 -10.40
C ALA A 185 9.08 -16.56 -9.46
N VAL A 186 9.62 -15.56 -8.75
CA VAL A 186 10.74 -15.86 -7.87
C VAL A 186 10.38 -16.06 -6.40
N MET A 187 9.16 -15.66 -6.03
CA MET A 187 8.72 -15.78 -4.64
C MET A 187 7.53 -16.72 -4.43
N GLY A 188 6.79 -16.99 -5.49
CA GLY A 188 5.64 -17.86 -5.38
C GLY A 188 4.60 -17.30 -4.41
N ALA A 189 4.14 -18.16 -3.50
CA ALA A 189 3.12 -17.79 -2.52
C ALA A 189 3.57 -16.67 -1.57
N SER A 190 4.88 -16.44 -1.47
CA SER A 190 5.39 -15.40 -0.58
C SER A 190 5.13 -13.98 -1.09
N TYR A 191 4.80 -13.86 -2.36
CA TYR A 191 4.52 -12.54 -2.95
C TYR A 191 3.16 -12.07 -2.45
N GLY A 192 3.18 -11.07 -1.57
CA GLY A 192 1.96 -10.57 -0.96
C GLY A 192 0.91 -9.85 -1.79
N PHE A 193 1.32 -9.12 -2.82
CA PHE A 193 0.38 -8.37 -3.64
C PHE A 193 -0.49 -9.19 -4.60
N GLN A 194 -0.48 -10.51 -4.45
CA GLN A 194 -1.27 -11.37 -5.33
C GLN A 194 -2.56 -11.83 -4.64
N TYR A 195 -2.74 -11.44 -3.38
CA TYR A 195 -3.91 -11.88 -2.63
C TYR A 195 -5.04 -10.90 -2.37
N SER A 196 -6.26 -11.40 -2.49
CA SER A 196 -7.45 -10.62 -2.19
C SER A 196 -7.54 -10.79 -0.68
N PRO A 197 -8.40 -10.00 -0.01
CA PRO A 197 -8.49 -10.15 1.45
C PRO A 197 -8.74 -11.59 1.93
N ALA A 198 -9.71 -12.27 1.33
CA ALA A 198 -10.01 -13.65 1.72
C ALA A 198 -8.85 -14.60 1.45
N GLN A 199 -8.06 -14.28 0.42
CA GLN A 199 -6.92 -15.11 0.06
C GLN A 199 -5.75 -14.90 1.01
N ARG A 200 -5.57 -13.67 1.46
CA ARG A 200 -4.50 -13.33 2.39
C ARG A 200 -4.78 -14.02 3.73
N VAL A 201 -6.04 -13.97 4.14
CA VAL A 201 -6.48 -14.60 5.38
C VAL A 201 -6.22 -16.11 5.31
N GLU A 202 -6.53 -16.70 4.17
CA GLU A 202 -6.35 -18.13 3.97
C GLU A 202 -4.87 -18.50 4.05
N PHE A 203 -4.01 -17.67 3.45
CA PHE A 203 -2.57 -17.92 3.46
C PHE A 203 -2.02 -17.91 4.88
N LEU A 204 -2.38 -16.89 5.64
CA LEU A 204 -1.90 -16.76 7.01
C LEU A 204 -2.40 -17.89 7.92
N LEU A 205 -3.66 -18.27 7.78
CA LEU A 205 -4.24 -19.33 8.60
C LEU A 205 -3.55 -20.65 8.30
N LYS A 206 -3.32 -20.91 7.03
CA LYS A 206 -2.68 -22.13 6.57
C LYS A 206 -1.23 -22.18 7.09
N ALA A 207 -0.50 -21.09 6.92
CA ALA A 207 0.88 -21.00 7.37
C ALA A 207 0.99 -21.27 8.87
N TRP A 208 0.10 -20.64 9.64
CA TRP A 208 0.09 -20.79 11.08
C TRP A 208 -0.24 -22.22 11.49
N ALA A 209 -1.26 -22.79 10.85
CA ALA A 209 -1.71 -24.13 11.16
C ALA A 209 -0.73 -25.26 10.79
N GLU A 210 0.10 -25.05 9.77
CA GLU A 210 1.03 -26.09 9.36
C GLU A 210 2.23 -26.27 10.31
N LYS A 211 2.43 -25.32 11.21
CA LYS A 211 3.53 -25.43 12.16
C LYS A 211 3.05 -26.25 13.36
N LYS A 212 3.94 -27.06 13.91
CA LYS A 212 3.62 -27.87 15.08
C LYS A 212 3.44 -26.95 16.29
N ASP A 213 4.24 -25.88 16.31
CA ASP A 213 4.19 -24.89 17.37
C ASP A 213 4.64 -23.59 16.70
N PRO A 214 3.68 -22.80 16.19
CA PRO A 214 3.93 -21.54 15.49
C PRO A 214 4.45 -20.35 16.30
N MET A 215 5.29 -19.56 15.64
CA MET A 215 5.87 -18.35 16.17
C MET A 215 6.04 -17.46 14.95
N GLY A 216 5.50 -16.24 15.02
CA GLY A 216 5.64 -15.36 13.89
C GLY A 216 6.16 -14.00 14.32
N PHE A 217 6.59 -13.22 13.34
CA PHE A 217 7.07 -11.88 13.63
C PHE A 217 7.08 -11.03 12.37
N SER A 218 6.88 -9.75 12.54
CA SER A 218 6.91 -8.80 11.44
C SER A 218 8.21 -8.04 11.59
N TYR A 219 8.92 -7.80 10.49
CA TYR A 219 10.17 -7.08 10.55
C TYR A 219 9.95 -5.71 9.93
N ASP A 220 10.29 -4.67 10.68
CA ASP A 220 10.13 -3.31 10.20
C ASP A 220 11.49 -2.67 9.96
N THR A 221 11.86 -2.53 8.69
CA THR A 221 13.13 -1.92 8.34
C THR A 221 13.01 -0.40 8.46
N ARG A 222 13.99 0.22 9.10
CA ARG A 222 13.97 1.67 9.30
C ARG A 222 14.18 2.37 7.95
N CYS A 223 13.13 2.99 7.42
CA CYS A 223 13.22 3.69 6.13
C CYS A 223 13.82 2.76 5.06
N PHE A 224 13.08 1.73 4.68
CA PHE A 224 13.57 0.75 3.71
C PHE A 224 14.18 1.33 2.43
N ASP A 225 13.47 2.25 1.77
CA ASP A 225 13.97 2.85 0.53
C ASP A 225 15.37 3.40 0.69
N SER A 226 15.60 4.08 1.81
CA SER A 226 16.89 4.68 2.11
C SER A 226 17.97 3.65 2.38
N THR A 227 17.57 2.43 2.74
CA THR A 227 18.56 1.39 3.03
C THR A 227 19.02 0.61 1.80
N VAL A 228 18.30 0.68 0.69
CA VAL A 228 18.74 -0.07 -0.47
C VAL A 228 19.90 0.66 -1.14
N THR A 229 20.96 -0.10 -1.39
CA THR A 229 22.18 0.42 -1.98
C THR A 229 22.24 0.40 -3.51
N GLU A 230 23.24 1.07 -4.05
CA GLU A 230 23.44 1.11 -5.49
C GLU A 230 23.69 -0.32 -5.94
N ARG A 231 24.41 -1.08 -5.12
CA ARG A 231 24.70 -2.48 -5.44
C ARG A 231 23.42 -3.31 -5.43
N ASP A 232 22.53 -3.03 -4.48
CA ASP A 232 21.26 -3.75 -4.41
C ASP A 232 20.48 -3.50 -5.71
N ILE A 233 20.49 -2.25 -6.16
CA ILE A 233 19.76 -1.87 -7.34
C ILE A 233 20.36 -2.48 -8.62
N ARG A 234 21.68 -2.60 -8.67
CA ARG A 234 22.32 -3.21 -9.83
C ARG A 234 22.05 -4.71 -9.81
N THR A 235 21.94 -5.28 -8.61
CA THR A 235 21.66 -6.70 -8.47
C THR A 235 20.23 -6.96 -8.95
N GLU A 236 19.33 -6.00 -8.71
CA GLU A 236 17.96 -6.15 -9.17
C GLU A 236 17.96 -6.20 -10.70
N GLU A 237 18.82 -5.41 -11.33
CA GLU A 237 18.91 -5.41 -12.78
C GLU A 237 19.37 -6.78 -13.28
N SER A 238 20.35 -7.37 -12.60
CA SER A 238 20.86 -8.68 -13.01
C SER A 238 19.76 -9.73 -12.88
N ILE A 239 18.84 -9.53 -11.94
CA ILE A 239 17.73 -10.45 -11.79
C ILE A 239 16.78 -10.25 -12.97
N TYR A 240 16.56 -8.99 -13.35
CA TYR A 240 15.69 -8.68 -14.48
C TYR A 240 16.28 -9.28 -15.76
N GLN A 241 17.58 -9.10 -15.92
CA GLN A 241 18.30 -9.61 -17.09
C GLN A 241 18.33 -11.13 -17.17
N ALA A 242 18.05 -11.81 -16.06
CA ALA A 242 18.03 -13.27 -16.06
C ALA A 242 16.79 -13.77 -16.82
N CYS A 243 15.81 -12.90 -17.00
CA CYS A 243 14.59 -13.25 -17.72
C CYS A 243 14.87 -13.29 -19.21
N SER A 244 13.97 -13.89 -19.97
CA SER A 244 14.10 -13.95 -21.42
C SER A 244 13.44 -12.68 -21.95
N LEU A 245 14.25 -11.74 -22.43
CA LEU A 245 13.77 -10.45 -22.93
C LEU A 245 14.42 -10.08 -24.25
N PRO A 246 13.74 -9.24 -25.04
CA PRO A 246 14.28 -8.81 -26.33
C PRO A 246 15.47 -7.87 -26.05
N GLU A 247 16.47 -7.93 -26.91
CA GLU A 247 17.68 -7.11 -26.76
C GLU A 247 17.37 -5.63 -26.54
N GLU A 248 16.36 -5.11 -27.24
CA GLU A 248 15.98 -3.71 -27.11
C GLU A 248 15.55 -3.39 -25.67
N ALA A 249 14.84 -4.32 -25.03
CA ALA A 249 14.40 -4.11 -23.66
C ALA A 249 15.61 -4.19 -22.74
N ARG A 250 16.51 -5.13 -23.00
CA ARG A 250 17.70 -5.28 -22.17
C ARG A 250 18.51 -4.00 -22.15
N THR A 251 18.59 -3.34 -23.31
CA THR A 251 19.33 -2.09 -23.44
C THR A 251 18.66 -1.00 -22.62
N ALA A 252 17.35 -0.86 -22.79
CA ALA A 252 16.58 0.16 -22.09
C ALA A 252 16.63 -0.05 -20.59
N ILE A 253 16.54 -1.31 -20.16
CA ILE A 253 16.57 -1.64 -18.74
C ILE A 253 17.93 -1.32 -18.13
N HIS A 254 19.00 -1.58 -18.86
CA HIS A 254 20.33 -1.26 -18.35
C HIS A 254 20.51 0.26 -18.22
N SER A 255 20.03 0.99 -19.21
CA SER A 255 20.14 2.44 -19.22
C SER A 255 19.33 3.04 -18.07
N LEU A 256 18.09 2.57 -17.91
CA LEU A 256 17.23 3.08 -16.86
C LEU A 256 17.86 2.79 -15.49
N THR A 257 18.50 1.64 -15.36
CA THR A 257 19.14 1.27 -14.11
C THR A 257 20.31 2.19 -13.78
N GLU A 258 21.20 2.41 -14.76
CA GLU A 258 22.36 3.25 -14.55
C GLU A 258 22.04 4.74 -14.51
N ARG A 259 21.03 5.17 -15.26
CA ARG A 259 20.69 6.59 -15.31
C ARG A 259 19.59 7.03 -14.34
N LEU A 260 18.83 6.09 -13.81
CA LEU A 260 17.72 6.46 -12.93
C LEU A 260 17.56 5.66 -11.65
N TYR A 261 17.42 4.34 -11.77
CA TYR A 261 17.20 3.52 -10.59
C TYR A 261 18.32 3.53 -9.55
N VAL A 262 19.57 3.47 -10.01
CA VAL A 262 20.70 3.43 -9.09
C VAL A 262 20.91 4.77 -8.36
N GLY A 263 20.28 5.83 -8.86
CA GLY A 263 20.43 7.13 -8.23
C GLY A 263 20.46 8.27 -9.23
N GLY A 264 20.68 9.49 -8.73
CA GLY A 264 20.75 10.63 -9.64
C GLY A 264 20.45 11.96 -8.97
N PRO A 265 20.51 13.07 -9.72
CA PRO A 265 20.23 14.41 -9.18
C PRO A 265 18.74 14.67 -8.96
N MET A 266 18.44 15.36 -7.87
CA MET A 266 17.06 15.72 -7.53
C MET A 266 16.91 17.24 -7.54
N PHE A 267 15.76 17.70 -8.02
CA PHE A 267 15.46 19.12 -8.06
C PHE A 267 14.14 19.38 -7.35
N ASN A 268 14.01 20.53 -6.69
CA ASN A 268 12.76 20.83 -6.01
C ASN A 268 11.79 21.43 -7.03
N SER A 269 10.56 21.71 -6.59
CA SER A 269 9.53 22.27 -7.47
C SER A 269 9.94 23.56 -8.15
N LYS A 270 10.86 24.30 -7.55
CA LYS A 270 11.31 25.57 -8.12
C LYS A 270 12.43 25.39 -9.14
N GLY A 271 12.86 24.15 -9.36
CA GLY A 271 13.93 23.90 -10.32
C GLY A 271 15.33 23.98 -9.73
N GLN A 272 15.43 24.23 -8.43
CA GLN A 272 16.72 24.32 -7.77
C GLN A 272 17.33 22.94 -7.52
N SER A 273 18.65 22.83 -7.66
CA SER A 273 19.35 21.57 -7.41
C SER A 273 19.21 21.33 -5.91
N CYS A 274 18.56 20.22 -5.56
CA CYS A 274 18.29 19.89 -4.17
C CYS A 274 19.25 18.85 -3.57
N GLY A 275 19.72 17.92 -4.39
CA GLY A 275 20.63 16.92 -3.88
C GLY A 275 20.83 15.75 -4.82
N TYR A 276 21.55 14.75 -4.35
CA TYR A 276 21.82 13.54 -5.13
C TYR A 276 21.37 12.31 -4.35
N ARG A 277 20.71 11.40 -5.04
CA ARG A 277 20.21 10.17 -4.43
C ARG A 277 21.09 8.95 -4.78
N ARG A 278 21.28 8.07 -3.80
CA ARG A 278 22.06 6.85 -4.00
C ARG A 278 21.28 5.68 -3.41
N CYS A 279 19.96 5.81 -3.38
CA CYS A 279 19.10 4.77 -2.85
C CYS A 279 17.85 4.67 -3.71
N ARG A 280 16.87 3.91 -3.24
CA ARG A 280 15.62 3.73 -3.97
C ARG A 280 14.82 5.00 -4.12
N ALA A 281 14.36 5.27 -5.34
CA ALA A 281 13.52 6.44 -5.60
C ALA A 281 12.11 5.89 -5.39
N SER A 282 11.26 6.64 -4.70
CA SER A 282 9.91 6.16 -4.44
C SER A 282 8.97 6.23 -5.64
N GLY A 283 9.24 7.14 -6.56
CA GLY A 283 8.35 7.30 -7.70
C GLY A 283 8.73 6.69 -9.03
N VAL A 284 9.42 5.56 -9.04
CA VAL A 284 9.77 4.90 -10.30
C VAL A 284 8.99 3.58 -10.42
N LEU A 285 8.78 3.12 -11.65
CA LEU A 285 8.02 1.89 -11.91
C LEU A 285 8.45 0.68 -11.09
N THR A 286 9.75 0.46 -10.98
CA THR A 286 10.29 -0.69 -10.27
C THR A 286 10.34 -0.63 -8.73
N THR A 287 9.86 0.46 -8.13
CA THR A 287 9.93 0.56 -6.68
C THR A 287 9.29 -0.61 -5.93
N SER A 288 8.05 -0.95 -6.25
CA SER A 288 7.37 -2.05 -5.58
C SER A 288 8.04 -3.42 -5.82
N MET A 289 8.28 -3.75 -7.08
CA MET A 289 8.93 -5.02 -7.41
C MET A 289 10.34 -5.09 -6.84
N GLY A 290 11.08 -4.00 -6.94
CA GLY A 290 12.43 -3.96 -6.42
C GLY A 290 12.47 -4.15 -4.92
N ASN A 291 11.65 -3.39 -4.19
CA ASN A 291 11.65 -3.53 -2.74
C ASN A 291 11.24 -4.95 -2.35
N THR A 292 10.18 -5.45 -2.99
CA THR A 292 9.67 -6.78 -2.70
C THR A 292 10.74 -7.86 -2.87
N ILE A 293 11.37 -7.92 -4.04
CA ILE A 293 12.39 -8.92 -4.30
C ILE A 293 13.64 -8.76 -3.44
N THR A 294 14.10 -7.53 -3.25
CA THR A 294 15.28 -7.31 -2.43
C THR A 294 15.02 -7.62 -0.96
N CYS A 295 13.82 -7.30 -0.48
CA CYS A 295 13.47 -7.59 0.90
C CYS A 295 13.48 -9.12 1.06
N TYR A 296 12.87 -9.80 0.09
CA TYR A 296 12.78 -11.24 0.10
C TYR A 296 14.15 -11.94 0.11
N VAL A 297 15.07 -11.46 -0.72
CA VAL A 297 16.41 -12.05 -0.80
C VAL A 297 17.12 -11.92 0.55
N LYS A 298 17.17 -10.70 1.07
CA LYS A 298 17.83 -10.44 2.34
C LYS A 298 17.19 -11.22 3.47
N ALA A 299 15.85 -11.22 3.51
CA ALA A 299 15.13 -11.93 4.56
C ALA A 299 15.34 -13.45 4.54
N LEU A 300 15.31 -14.05 3.35
CA LEU A 300 15.49 -15.50 3.24
C LEU A 300 16.90 -15.90 3.69
N ALA A 301 17.89 -15.11 3.29
CA ALA A 301 19.28 -15.38 3.66
C ALA A 301 19.44 -15.20 5.16
N ALA A 302 18.78 -14.18 5.70
CA ALA A 302 18.84 -13.90 7.13
C ALA A 302 18.19 -15.03 7.93
N CYS A 303 17.14 -15.63 7.39
CA CYS A 303 16.48 -16.75 8.07
C CYS A 303 17.44 -17.92 8.19
N LYS A 304 18.18 -18.19 7.11
CA LYS A 304 19.13 -19.28 7.10
C LYS A 304 20.30 -18.99 8.02
N ALA A 305 20.84 -17.77 7.96
CA ALA A 305 21.96 -17.40 8.82
C ALA A 305 21.57 -17.47 10.29
N ALA A 306 20.35 -17.05 10.61
CA ALA A 306 19.86 -17.04 11.99
C ALA A 306 19.38 -18.40 12.48
N GLY A 307 19.20 -19.34 11.56
CA GLY A 307 18.74 -20.65 11.96
C GLY A 307 17.24 -20.70 12.20
N ILE A 308 16.47 -19.89 11.46
CA ILE A 308 15.03 -19.89 11.61
C ILE A 308 14.55 -21.23 11.04
N VAL A 309 13.76 -21.95 11.84
CA VAL A 309 13.27 -23.25 11.44
C VAL A 309 11.97 -23.25 10.64
N ALA A 310 12.04 -23.72 9.40
CA ALA A 310 10.89 -23.82 8.51
C ALA A 310 10.13 -22.50 8.39
N PRO A 311 10.76 -21.47 7.80
CA PRO A 311 10.09 -20.18 7.65
C PRO A 311 9.14 -20.08 6.47
N THR A 312 7.99 -19.48 6.71
CA THR A 312 7.00 -19.23 5.67
C THR A 312 6.96 -17.70 5.67
N MET A 313 7.30 -17.09 4.54
CA MET A 313 7.32 -15.63 4.47
C MET A 313 6.23 -15.02 3.61
N LEU A 314 5.85 -13.81 3.96
CA LEU A 314 4.85 -13.06 3.19
C LEU A 314 5.48 -11.68 3.04
N VAL A 315 5.79 -11.31 1.81
CA VAL A 315 6.44 -10.03 1.54
C VAL A 315 5.60 -9.07 0.70
N CYS A 316 5.46 -7.85 1.20
CA CYS A 316 4.73 -6.78 0.52
C CYS A 316 5.68 -5.59 0.48
N GLY A 317 6.51 -5.50 -0.56
CA GLY A 317 7.46 -4.40 -0.64
C GLY A 317 8.42 -4.50 0.54
N ASP A 318 8.43 -3.46 1.39
CA ASP A 318 9.31 -3.44 2.54
C ASP A 318 8.60 -4.01 3.78
N ASP A 319 7.39 -4.53 3.59
CA ASP A 319 6.63 -5.12 4.68
C ASP A 319 6.90 -6.62 4.69
N LEU A 320 7.38 -7.14 5.81
CA LEU A 320 7.73 -8.55 5.91
C LEU A 320 7.19 -9.27 7.15
N VAL A 321 6.69 -10.47 6.94
CA VAL A 321 6.18 -11.30 8.04
C VAL A 321 6.77 -12.70 7.89
N VAL A 322 7.31 -13.23 8.99
CA VAL A 322 7.88 -14.56 8.98
C VAL A 322 7.19 -15.45 10.02
N ILE A 323 6.66 -16.58 9.58
CA ILE A 323 6.01 -17.53 10.47
C ILE A 323 6.82 -18.82 10.41
N SER A 324 7.26 -19.30 11.57
CA SER A 324 8.08 -20.52 11.62
C SER A 324 7.80 -21.40 12.83
N GLU A 325 8.65 -22.40 13.01
CA GLU A 325 8.53 -23.33 14.13
C GLU A 325 9.22 -22.75 15.35
N SER A 326 8.46 -22.59 16.43
CA SER A 326 9.02 -22.07 17.67
C SER A 326 10.04 -23.06 18.22
N GLN A 327 11.11 -22.53 18.82
CA GLN A 327 12.16 -23.35 19.40
C GLN A 327 12.19 -23.08 20.90
N GLY A 328 11.10 -22.49 21.40
CA GLY A 328 11.03 -22.14 22.81
C GLY A 328 11.18 -20.63 22.86
N THR A 329 10.57 -19.98 23.85
CA THR A 329 10.63 -18.53 23.94
C THR A 329 12.03 -17.93 23.97
N GLU A 330 12.93 -18.52 24.75
CA GLU A 330 14.30 -18.01 24.85
C GLU A 330 15.07 -18.14 23.54
N GLU A 331 14.97 -19.30 22.92
CA GLU A 331 15.65 -19.55 21.65
C GLU A 331 15.05 -18.69 20.54
N ASP A 332 13.73 -18.50 20.54
CA ASP A 332 13.10 -17.68 19.52
C ASP A 332 13.66 -16.26 19.57
N GLU A 333 13.81 -15.72 20.77
CA GLU A 333 14.34 -14.38 20.92
C GLU A 333 15.78 -14.32 20.43
N ARG A 334 16.54 -15.37 20.69
CA ARG A 334 17.93 -15.43 20.27
C ARG A 334 18.01 -15.48 18.74
N ASN A 335 17.15 -16.30 18.14
CA ASN A 335 17.10 -16.44 16.71
C ASN A 335 16.67 -15.13 16.02
N LEU A 336 15.73 -14.41 16.64
CA LEU A 336 15.25 -13.16 16.10
C LEU A 336 16.35 -12.11 16.12
N ARG A 337 17.13 -12.08 17.19
CA ARG A 337 18.23 -11.14 17.28
C ARG A 337 19.26 -11.46 16.20
N ALA A 338 19.50 -12.75 15.96
CA ALA A 338 20.44 -13.17 14.94
C ALA A 338 19.93 -12.76 13.56
N PHE A 339 18.62 -12.94 13.35
CA PHE A 339 18.00 -12.56 12.09
C PHE A 339 18.20 -11.06 11.88
N THR A 340 17.94 -10.29 12.92
CA THR A 340 18.09 -8.83 12.84
C THR A 340 19.53 -8.43 12.54
N GLU A 341 20.49 -9.10 13.17
CA GLU A 341 21.90 -8.79 12.95
C GLU A 341 22.30 -9.11 11.51
N ALA A 342 21.72 -10.17 10.94
CA ALA A 342 22.01 -10.54 9.56
C ALA A 342 21.42 -9.48 8.62
N MET A 343 20.15 -9.13 8.85
CA MET A 343 19.48 -8.12 8.03
C MET A 343 20.25 -6.80 8.05
N THR A 344 20.74 -6.43 9.23
CA THR A 344 21.49 -5.19 9.37
C THR A 344 22.75 -5.22 8.51
N ARG A 345 23.47 -6.34 8.55
CA ARG A 345 24.67 -6.47 7.74
C ARG A 345 24.32 -6.34 6.25
N TYR A 346 23.13 -6.79 5.87
CA TYR A 346 22.71 -6.71 4.48
C TYR A 346 22.15 -5.34 4.15
N SER A 347 22.28 -4.42 5.10
CA SER A 347 21.79 -3.06 4.95
C SER A 347 20.26 -3.04 4.95
N ALA A 348 19.69 -3.55 6.03
CA ALA A 348 18.25 -3.58 6.23
C ALA A 348 18.05 -3.55 7.75
N PRO A 349 18.56 -2.49 8.41
CA PRO A 349 18.47 -2.31 9.86
C PRO A 349 17.03 -2.13 10.29
N PRO A 350 16.69 -2.52 11.53
CA PRO A 350 15.31 -2.39 11.97
C PRO A 350 14.95 -1.03 12.56
N GLY A 351 13.68 -0.65 12.39
CA GLY A 351 13.20 0.59 12.96
C GLY A 351 12.85 0.14 14.37
N ASP A 352 11.72 -0.54 14.48
CA ASP A 352 11.30 -1.08 15.77
C ASP A 352 11.84 -2.50 15.80
N PRO A 353 12.59 -2.85 16.85
CA PRO A 353 13.12 -4.21 16.92
C PRO A 353 11.97 -5.23 16.87
N PRO A 354 12.15 -6.32 16.13
CA PRO A 354 11.08 -7.32 16.06
C PRO A 354 10.97 -8.14 17.34
N ARG A 355 9.81 -8.74 17.55
CA ARG A 355 9.61 -9.58 18.72
C ARG A 355 8.76 -10.77 18.35
N PRO A 356 9.06 -11.94 18.94
CA PRO A 356 8.28 -13.14 18.65
C PRO A 356 6.84 -12.94 19.08
N GLU A 357 5.91 -13.42 18.25
CA GLU A 357 4.48 -13.32 18.54
C GLU A 357 3.91 -14.73 18.47
N TYR A 358 3.08 -15.07 19.45
CA TYR A 358 2.46 -16.39 19.49
C TYR A 358 0.93 -16.36 19.37
N ASP A 359 0.41 -15.22 18.93
CA ASP A 359 -1.04 -15.04 18.72
C ASP A 359 -1.20 -14.48 17.31
N LEU A 360 -1.77 -15.27 16.41
CA LEU A 360 -1.94 -14.84 15.03
C LEU A 360 -2.68 -13.52 14.84
N GLU A 361 -3.70 -13.27 15.68
CA GLU A 361 -4.47 -12.03 15.57
C GLU A 361 -3.59 -10.79 15.72
N LEU A 362 -2.49 -10.92 16.44
CA LEU A 362 -1.59 -9.78 16.69
C LEU A 362 -0.49 -9.59 15.64
N ILE A 363 -0.46 -10.45 14.64
CA ILE A 363 0.56 -10.33 13.60
C ILE A 363 0.04 -9.47 12.44
N THR A 364 0.74 -8.38 12.18
CA THR A 364 0.34 -7.47 11.10
C THR A 364 1.17 -7.69 9.83
N SER A 365 0.46 -8.01 8.75
CA SER A 365 1.07 -8.24 7.45
C SER A 365 0.43 -7.34 6.41
N CYS A 366 1.27 -6.65 5.64
CA CYS A 366 0.78 -5.76 4.60
C CYS A 366 -0.28 -4.81 5.17
N SER A 367 0.02 -4.26 6.35
CA SER A 367 -0.86 -3.33 7.05
C SER A 367 -2.20 -3.90 7.53
N SER A 368 -2.28 -5.22 7.66
CA SER A 368 -3.53 -5.83 8.09
C SER A 368 -3.29 -7.05 9.00
N ASN A 369 -4.36 -7.55 9.59
CA ASN A 369 -4.26 -8.73 10.44
C ASN A 369 -5.53 -9.56 10.33
N VAL A 370 -5.41 -10.83 10.69
CA VAL A 370 -6.53 -11.74 10.65
C VAL A 370 -7.27 -11.70 11.97
N SER A 371 -8.59 -11.74 11.92
CA SER A 371 -9.38 -11.75 13.13
C SER A 371 -10.49 -12.75 12.89
N VAL A 372 -11.34 -12.95 13.89
CA VAL A 372 -12.38 -13.93 13.74
C VAL A 372 -13.72 -13.40 14.29
N ALA A 373 -14.80 -13.92 13.73
CA ALA A 373 -16.14 -13.55 14.16
C ALA A 373 -17.05 -14.74 13.86
N LEU A 374 -18.31 -14.64 14.23
CA LEU A 374 -19.26 -15.72 13.99
C LEU A 374 -20.13 -15.43 12.77
N GLY A 375 -20.35 -16.46 11.96
CA GLY A 375 -21.20 -16.32 10.78
C GLY A 375 -22.65 -16.50 11.16
N PRO A 376 -23.57 -16.44 10.18
CA PRO A 376 -25.01 -16.59 10.42
C PRO A 376 -25.43 -17.93 11.04
N GLN A 377 -24.63 -18.97 10.81
CA GLN A 377 -24.95 -20.29 11.35
C GLN A 377 -24.22 -20.54 12.67
N GLY A 378 -23.50 -19.53 13.14
CA GLY A 378 -22.78 -19.65 14.40
C GLY A 378 -21.37 -20.22 14.33
N ARG A 379 -20.87 -20.50 13.12
CA ARG A 379 -19.53 -21.04 13.00
C ARG A 379 -18.49 -19.93 12.86
N ARG A 380 -17.26 -20.22 13.24
CA ARG A 380 -16.18 -19.25 13.16
C ARG A 380 -15.90 -18.83 11.72
N ARG A 381 -15.75 -17.53 11.51
CA ARG A 381 -15.47 -16.98 10.19
C ARG A 381 -14.28 -16.03 10.32
N TYR A 382 -13.25 -16.25 9.51
CA TYR A 382 -12.05 -15.41 9.55
C TYR A 382 -12.11 -14.33 8.48
N TYR A 383 -11.59 -13.15 8.80
CA TYR A 383 -11.61 -12.03 7.87
C TYR A 383 -10.41 -11.12 8.12
N LEU A 384 -10.16 -10.23 7.17
CA LEU A 384 -9.04 -9.31 7.28
C LEU A 384 -9.48 -7.96 7.85
N THR A 385 -8.70 -7.44 8.79
CA THR A 385 -9.00 -6.15 9.39
C THR A 385 -7.68 -5.39 9.60
N ARG A 386 -7.75 -4.25 10.27
CA ARG A 386 -6.57 -3.43 10.54
C ARG A 386 -6.94 -2.31 11.49
N ASP A 387 -5.95 -1.67 12.09
CA ASP A 387 -6.23 -0.55 12.98
C ASP A 387 -6.96 0.47 12.11
N PRO A 388 -8.13 0.94 12.56
CA PRO A 388 -8.95 1.92 11.82
C PRO A 388 -8.64 3.40 12.00
N THR A 389 -7.67 3.74 12.84
CA THR A 389 -7.36 5.15 13.09
C THR A 389 -7.10 5.98 11.82
N THR A 390 -6.14 5.57 11.01
CA THR A 390 -5.83 6.31 9.79
C THR A 390 -6.96 6.30 8.76
N PRO A 391 -7.55 5.12 8.48
CA PRO A 391 -8.62 5.17 7.49
C PRO A 391 -9.81 6.05 7.90
N ILE A 392 -10.12 6.11 9.19
CA ILE A 392 -11.23 6.95 9.63
C ILE A 392 -10.82 8.43 9.64
N ALA A 393 -9.56 8.70 10.00
CA ALA A 393 -9.07 10.07 10.02
C ALA A 393 -9.12 10.63 8.61
N ARG A 394 -8.83 9.78 7.62
CA ARG A 394 -8.84 10.20 6.23
C ARG A 394 -10.26 10.28 5.67
N ALA A 395 -11.16 9.49 6.24
CA ALA A 395 -12.55 9.51 5.80
C ALA A 395 -13.15 10.82 6.29
N ALA A 396 -12.74 11.23 7.49
CA ALA A 396 -13.21 12.47 8.12
C ALA A 396 -12.67 13.70 7.39
N TRP A 397 -11.48 13.57 6.82
CA TRP A 397 -10.86 14.67 6.09
C TRP A 397 -11.46 14.74 4.70
N GLU A 398 -11.60 13.58 4.06
CA GLU A 398 -12.17 13.51 2.72
C GLU A 398 -13.67 13.80 2.71
N THR A 399 -14.18 14.33 3.82
CA THR A 399 -15.59 14.67 3.92
C THR A 399 -15.71 16.19 3.87
N VAL A 400 -14.63 16.87 4.24
CA VAL A 400 -14.59 18.33 4.24
C VAL A 400 -13.81 18.80 3.02
N ARG A 401 -13.06 17.87 2.43
CA ARG A 401 -12.23 18.16 1.26
C ARG A 401 -12.37 17.05 0.24
N HIS A 402 -13.61 16.67 -0.05
CA HIS A 402 -13.88 15.59 -1.01
C HIS A 402 -13.02 15.70 -2.27
N SER A 403 -11.82 15.14 -2.19
CA SER A 403 -10.87 15.15 -3.31
C SER A 403 -11.33 14.24 -4.45
N PRO A 404 -10.70 14.37 -5.63
CA PRO A 404 -11.04 13.56 -6.80
C PRO A 404 -10.97 12.06 -6.52
N VAL A 405 -10.00 11.68 -5.70
CA VAL A 405 -9.81 10.28 -5.34
C VAL A 405 -10.12 10.07 -3.86
N ASN A 406 -10.95 9.08 -3.57
CA ASN A 406 -11.34 8.78 -2.20
C ASN A 406 -10.60 7.55 -1.68
N SER A 407 -10.42 7.50 -0.36
CA SER A 407 -9.73 6.37 0.27
C SER A 407 -10.77 5.61 1.08
N TRP A 408 -11.82 6.31 1.50
CA TRP A 408 -12.88 5.70 2.29
C TRP A 408 -13.62 4.63 1.51
N LEU A 409 -13.88 4.89 0.23
CA LEU A 409 -14.59 3.92 -0.58
C LEU A 409 -13.75 2.65 -0.65
N GLY A 410 -12.44 2.85 -0.84
CA GLY A 410 -11.53 1.71 -0.92
C GLY A 410 -11.53 0.91 0.36
N ASN A 411 -11.49 1.61 1.50
CA ASN A 411 -11.50 0.94 2.79
C ASN A 411 -12.81 0.20 3.02
N ILE A 412 -13.92 0.79 2.57
CA ILE A 412 -15.21 0.14 2.73
C ILE A 412 -15.25 -1.17 1.97
N ILE A 413 -14.68 -1.18 0.78
CA ILE A 413 -14.67 -2.37 -0.06
C ILE A 413 -13.70 -3.44 0.44
N GLN A 414 -12.47 -3.05 0.73
CA GLN A 414 -11.47 -3.99 1.19
C GLN A 414 -11.75 -4.54 2.61
N TYR A 415 -12.31 -3.70 3.47
CA TYR A 415 -12.60 -4.12 4.84
C TYR A 415 -14.09 -4.16 5.16
N ALA A 416 -14.89 -4.49 4.16
CA ALA A 416 -16.34 -4.57 4.30
C ALA A 416 -16.87 -5.40 5.47
N PRO A 417 -16.24 -6.55 5.77
CA PRO A 417 -16.78 -7.33 6.90
C PRO A 417 -16.39 -6.88 8.31
N THR A 418 -15.52 -5.88 8.41
CA THR A 418 -15.07 -5.38 9.70
C THR A 418 -16.14 -4.59 10.43
N ILE A 419 -16.05 -4.55 11.75
CA ILE A 419 -17.03 -3.83 12.54
C ILE A 419 -16.90 -2.32 12.39
N TRP A 420 -15.68 -1.84 12.15
CA TRP A 420 -15.47 -0.40 12.00
C TRP A 420 -15.96 0.12 10.66
N VAL A 421 -15.90 -0.70 9.61
CA VAL A 421 -16.42 -0.28 8.32
C VAL A 421 -17.94 -0.32 8.37
N ARG A 422 -18.47 -1.38 8.95
CA ARG A 422 -19.92 -1.51 9.03
C ARG A 422 -20.64 -0.53 9.94
N MET A 423 -20.06 -0.27 11.11
CA MET A 423 -20.70 0.63 12.06
C MET A 423 -20.39 2.10 11.83
N VAL A 424 -19.17 2.40 11.41
CA VAL A 424 -18.76 3.79 11.21
C VAL A 424 -18.75 4.33 9.78
N LEU A 425 -17.89 3.78 8.93
CA LEU A 425 -17.78 4.28 7.56
C LEU A 425 -19.05 4.19 6.71
N MET A 426 -19.71 3.03 6.69
CA MET A 426 -20.92 2.88 5.89
C MET A 426 -22.03 3.81 6.40
N THR A 427 -22.21 3.84 7.71
CA THR A 427 -23.23 4.69 8.33
C THR A 427 -22.99 6.14 7.92
N HIS A 428 -21.76 6.60 8.12
CA HIS A 428 -21.39 7.97 7.80
C HIS A 428 -21.53 8.35 6.33
N PHE A 429 -20.92 7.57 5.45
CA PHE A 429 -20.97 7.90 4.03
C PHE A 429 -22.32 7.79 3.36
N PHE A 430 -23.15 6.82 3.76
CA PHE A 430 -24.45 6.74 3.15
C PHE A 430 -25.30 7.91 3.65
N SER A 431 -25.00 8.38 4.86
CA SER A 431 -25.70 9.54 5.43
C SER A 431 -25.31 10.80 4.66
N ILE A 432 -24.02 10.95 4.39
CA ILE A 432 -23.51 12.10 3.64
C ILE A 432 -24.05 12.08 2.21
N LEU A 433 -24.07 10.90 1.60
CA LEU A 433 -24.56 10.76 0.24
C LEU A 433 -26.04 11.15 0.12
N MET A 434 -26.85 10.76 1.10
CA MET A 434 -28.25 11.11 1.07
C MET A 434 -28.46 12.58 1.37
N ALA A 435 -27.60 13.15 2.21
CA ALA A 435 -27.70 14.57 2.54
C ALA A 435 -27.38 15.40 1.30
N GLN A 436 -26.37 14.96 0.55
CA GLN A 436 -25.93 15.63 -0.68
C GLN A 436 -26.81 15.25 -1.87
N ASP A 437 -27.53 14.15 -1.71
CA ASP A 437 -28.40 13.63 -2.77
C ASP A 437 -27.55 13.24 -3.98
N THR A 438 -26.49 12.47 -3.73
CA THR A 438 -25.60 12.02 -4.79
C THR A 438 -25.34 10.52 -4.71
N LEU A 439 -26.31 9.76 -4.21
CA LEU A 439 -26.17 8.32 -4.07
C LEU A 439 -25.74 7.57 -5.33
N ASP A 440 -26.39 7.82 -6.45
CA ASP A 440 -26.05 7.10 -7.69
C ASP A 440 -24.81 7.62 -8.42
N GLN A 441 -24.27 8.75 -7.98
CA GLN A 441 -23.08 9.30 -8.61
C GLN A 441 -21.86 8.39 -8.45
N ASN A 442 -21.19 8.11 -9.56
CA ASN A 442 -20.00 7.25 -9.52
C ASN A 442 -18.84 7.98 -8.85
N LEU A 443 -18.03 7.22 -8.12
CA LEU A 443 -16.89 7.81 -7.42
C LEU A 443 -15.60 7.06 -7.74
N ASN A 444 -14.49 7.77 -7.58
CA ASN A 444 -13.17 7.20 -7.83
C ASN A 444 -12.46 6.95 -6.51
N PHE A 445 -12.21 5.68 -6.21
CA PHE A 445 -11.52 5.32 -4.98
C PHE A 445 -10.18 4.72 -5.39
N GLU A 446 -9.29 4.57 -4.43
CA GLU A 446 -7.97 4.04 -4.76
C GLU A 446 -7.59 2.70 -4.18
N MET A 447 -7.43 1.71 -5.05
CA MET A 447 -6.96 0.41 -4.60
C MET A 447 -5.47 0.72 -4.70
N TYR A 448 -4.57 -0.19 -4.37
CA TYR A 448 -3.15 0.18 -4.40
C TYR A 448 -2.49 0.40 -5.76
N GLY A 449 -2.60 -0.56 -6.67
CA GLY A 449 -1.97 -0.41 -7.97
C GLY A 449 -2.83 0.11 -9.10
N SER A 450 -4.10 0.41 -8.80
CA SER A 450 -5.00 0.91 -9.83
C SER A 450 -6.21 1.66 -9.28
N VAL A 451 -6.43 2.88 -9.78
CA VAL A 451 -7.56 3.69 -9.34
C VAL A 451 -8.79 3.21 -10.08
N TYR A 452 -9.89 3.02 -9.36
CA TYR A 452 -11.13 2.54 -9.97
C TYR A 452 -12.30 3.49 -9.72
N SER A 453 -13.40 3.24 -10.44
CA SER A 453 -14.61 4.05 -10.31
C SER A 453 -15.81 3.15 -10.05
N VAL A 454 -16.62 3.52 -9.08
CA VAL A 454 -17.80 2.72 -8.73
C VAL A 454 -18.94 3.56 -8.17
N SER A 455 -20.14 2.99 -8.17
CA SER A 455 -21.32 3.66 -7.63
C SER A 455 -21.62 3.05 -6.27
N PRO A 456 -21.83 3.91 -5.24
CA PRO A 456 -22.14 3.44 -3.90
C PRO A 456 -23.30 2.45 -3.86
N LEU A 457 -24.24 2.61 -4.80
CA LEU A 457 -25.39 1.73 -4.87
C LEU A 457 -25.03 0.32 -5.35
N ASP A 458 -23.80 0.15 -5.82
CA ASP A 458 -23.33 -1.14 -6.30
C ASP A 458 -22.54 -1.88 -5.21
N LEU A 459 -22.42 -1.26 -4.04
CA LEU A 459 -21.65 -1.85 -2.94
C LEU A 459 -22.09 -3.22 -2.45
N PRO A 460 -23.40 -3.45 -2.26
CA PRO A 460 -23.80 -4.78 -1.78
C PRO A 460 -23.42 -5.93 -2.71
N ALA A 461 -23.54 -5.72 -4.01
CA ALA A 461 -23.20 -6.76 -4.98
C ALA A 461 -21.68 -6.94 -5.01
N ILE A 462 -20.97 -5.81 -4.94
CA ILE A 462 -19.51 -5.82 -4.94
C ILE A 462 -18.98 -6.54 -3.71
N ILE A 463 -19.58 -6.26 -2.55
CA ILE A 463 -19.14 -6.87 -1.30
C ILE A 463 -19.45 -8.37 -1.27
N GLU A 464 -20.62 -8.77 -1.76
CA GLU A 464 -20.97 -10.18 -1.77
C GLU A 464 -19.97 -10.96 -2.63
N ARG A 465 -19.69 -10.45 -3.82
CA ARG A 465 -18.75 -11.10 -4.72
C ARG A 465 -17.34 -11.13 -4.15
N LEU A 466 -16.97 -10.09 -3.42
CA LEU A 466 -15.64 -10.00 -2.83
C LEU A 466 -15.47 -10.72 -1.50
N HIS A 467 -16.48 -10.62 -0.63
CA HIS A 467 -16.39 -11.25 0.68
C HIS A 467 -17.47 -12.29 0.98
N GLY A 468 -18.41 -12.45 0.07
CA GLY A 468 -19.48 -13.40 0.29
C GLY A 468 -20.56 -12.81 1.17
N LEU A 469 -21.72 -13.45 1.23
CA LEU A 469 -22.83 -12.98 2.04
C LEU A 469 -22.50 -12.88 3.54
N ASP A 470 -21.45 -13.56 3.98
CA ASP A 470 -21.05 -13.52 5.39
C ASP A 470 -20.73 -12.10 5.83
N ALA A 471 -20.27 -11.29 4.89
CA ALA A 471 -19.92 -9.90 5.18
C ALA A 471 -21.10 -9.13 5.77
N PHE A 472 -22.31 -9.60 5.53
CA PHE A 472 -23.51 -8.93 6.03
C PHE A 472 -24.11 -9.61 7.26
N SER A 473 -23.48 -10.68 7.75
CA SER A 473 -24.00 -11.39 8.90
C SER A 473 -23.00 -11.66 10.03
N LEU A 474 -21.77 -11.20 9.86
CA LEU A 474 -20.76 -11.40 10.90
C LEU A 474 -21.15 -10.74 12.21
N HIS A 475 -20.95 -11.45 13.31
CA HIS A 475 -21.25 -10.92 14.64
C HIS A 475 -20.32 -11.55 15.68
N THR A 476 -20.38 -11.04 16.90
CA THR A 476 -19.53 -11.55 17.97
C THR A 476 -18.05 -11.34 17.62
N TYR A 477 -17.67 -10.08 17.43
CA TYR A 477 -16.31 -9.71 17.12
C TYR A 477 -15.44 -9.91 18.37
N THR A 478 -14.14 -10.02 18.19
CA THR A 478 -13.24 -10.23 19.32
C THR A 478 -13.05 -8.99 20.17
N PRO A 479 -12.72 -9.17 21.46
CA PRO A 479 -12.51 -8.02 22.34
C PRO A 479 -11.31 -7.18 21.92
N HIS A 480 -10.32 -7.81 21.26
CA HIS A 480 -9.15 -7.04 20.80
C HIS A 480 -9.62 -6.05 19.72
N GLU A 481 -10.42 -6.55 18.78
CA GLU A 481 -10.95 -5.73 17.69
C GLU A 481 -11.85 -4.61 18.23
N LEU A 482 -12.75 -4.97 19.13
CA LEU A 482 -13.67 -3.99 19.72
C LEU A 482 -12.88 -2.91 20.46
N THR A 483 -11.85 -3.34 21.18
CA THR A 483 -11.01 -2.40 21.92
C THR A 483 -10.23 -1.46 21.01
N ARG A 484 -9.68 -2.01 19.93
CA ARG A 484 -8.88 -1.21 19.00
C ARG A 484 -9.73 -0.16 18.29
N VAL A 485 -10.93 -0.55 17.87
CA VAL A 485 -11.84 0.38 17.20
C VAL A 485 -12.27 1.50 18.17
N ALA A 486 -12.56 1.14 19.41
CA ALA A 486 -12.96 2.12 20.40
C ALA A 486 -11.81 3.10 20.67
N SER A 487 -10.58 2.60 20.66
CA SER A 487 -9.41 3.45 20.90
C SER A 487 -9.28 4.47 19.78
N ALA A 488 -9.50 4.03 18.55
CA ALA A 488 -9.40 4.90 17.38
C ALA A 488 -10.42 6.04 17.47
N LEU A 489 -11.67 5.71 17.76
CA LEU A 489 -12.71 6.73 17.87
C LEU A 489 -12.36 7.71 18.99
N ARG A 490 -11.80 7.21 20.08
CA ARG A 490 -11.39 8.06 21.20
C ARG A 490 -10.27 9.02 20.77
N LYS A 491 -9.29 8.48 20.04
CA LYS A 491 -8.17 9.29 19.57
C LYS A 491 -8.60 10.34 18.56
N LEU A 492 -9.60 9.98 17.76
CA LEU A 492 -10.11 10.89 16.74
C LEU A 492 -11.09 11.89 17.36
N GLY A 493 -11.53 11.61 18.58
CA GLY A 493 -12.48 12.48 19.26
C GLY A 493 -13.87 12.35 18.66
N ALA A 494 -14.14 11.19 18.07
CA ALA A 494 -15.42 10.91 17.43
C ALA A 494 -16.38 10.15 18.35
N PRO A 495 -17.67 10.15 18.01
CA PRO A 495 -18.62 9.43 18.87
C PRO A 495 -18.26 7.95 18.94
N PRO A 496 -18.54 7.30 20.08
CA PRO A 496 -18.24 5.88 20.28
C PRO A 496 -19.21 4.98 19.53
N LEU A 497 -18.83 3.70 19.39
CA LEU A 497 -19.65 2.74 18.67
C LEU A 497 -21.12 2.70 19.08
N ARG A 498 -21.41 2.78 20.37
CA ARG A 498 -22.81 2.73 20.80
C ARG A 498 -23.66 3.85 20.17
N ALA A 499 -23.04 4.98 19.86
CA ALA A 499 -23.75 6.10 19.23
C ALA A 499 -23.92 5.85 17.72
N TRP A 500 -22.89 5.27 17.10
CA TRP A 500 -22.98 4.96 15.67
C TRP A 500 -24.06 3.91 15.46
N LYS A 501 -24.24 3.04 16.43
CA LYS A 501 -25.26 2.02 16.31
C LYS A 501 -26.64 2.67 16.24
N SER A 502 -26.86 3.71 17.04
CA SER A 502 -28.16 4.42 17.04
C SER A 502 -28.35 5.06 15.67
N ARG A 503 -27.30 5.71 15.18
CA ARG A 503 -27.31 6.39 13.88
C ARG A 503 -27.57 5.45 12.70
N ALA A 504 -26.94 4.28 12.74
CA ALA A 504 -27.10 3.31 11.66
C ALA A 504 -28.56 2.92 11.42
N ARG A 505 -29.35 2.89 12.50
CA ARG A 505 -30.76 2.53 12.37
C ARG A 505 -31.50 3.59 11.56
N ALA A 506 -31.19 4.87 11.83
CA ALA A 506 -31.83 5.97 11.11
C ALA A 506 -31.39 5.97 9.65
N VAL A 507 -30.10 5.76 9.40
CA VAL A 507 -29.58 5.72 8.04
C VAL A 507 -30.23 4.56 7.28
N ARG A 508 -30.37 3.43 7.95
CA ARG A 508 -30.99 2.26 7.33
C ARG A 508 -32.43 2.58 6.90
N ALA A 509 -33.19 3.17 7.82
CA ALA A 509 -34.57 3.53 7.55
C ALA A 509 -34.67 4.49 6.38
N SER A 510 -33.76 5.47 6.35
CA SER A 510 -33.75 6.45 5.27
C SER A 510 -33.50 5.79 3.91
N LEU A 511 -32.52 4.88 3.87
CA LEU A 511 -32.20 4.19 2.63
C LEU A 511 -33.40 3.39 2.12
N ILE A 512 -34.08 2.71 3.04
CA ILE A 512 -35.24 1.90 2.70
C ILE A 512 -36.41 2.77 2.20
N SER A 513 -36.54 3.97 2.76
CA SER A 513 -37.61 4.89 2.35
C SER A 513 -37.46 5.29 0.89
N ARG A 514 -36.22 5.38 0.44
CA ARG A 514 -35.92 5.76 -0.94
C ARG A 514 -36.17 4.64 -1.95
N GLY A 515 -36.37 3.43 -1.45
CA GLY A 515 -36.63 2.29 -2.33
C GLY A 515 -35.52 1.99 -3.32
N GLY A 516 -35.81 1.09 -4.27
CA GLY A 516 -34.85 0.73 -5.28
C GLY A 516 -33.51 0.22 -4.74
N ARG A 517 -32.43 0.54 -5.45
CA ARG A 517 -31.09 0.12 -5.05
C ARG A 517 -30.74 0.64 -3.66
N ALA A 518 -31.20 1.84 -3.32
CA ALA A 518 -30.92 2.42 -2.02
C ALA A 518 -31.50 1.53 -0.93
N ALA A 519 -32.67 0.94 -1.20
CA ALA A 519 -33.32 0.05 -0.27
C ALA A 519 -32.52 -1.23 -0.07
N VAL A 520 -31.91 -1.71 -1.15
CA VAL A 520 -31.10 -2.93 -1.09
C VAL A 520 -29.92 -2.64 -0.17
N CYS A 521 -29.31 -1.47 -0.35
CA CYS A 521 -28.18 -1.06 0.47
C CYS A 521 -28.58 -1.05 1.94
N GLY A 522 -29.74 -0.47 2.22
CA GLY A 522 -30.22 -0.40 3.59
C GLY A 522 -30.45 -1.77 4.22
N ARG A 523 -31.15 -2.64 3.50
CA ARG A 523 -31.46 -3.98 4.00
C ARG A 523 -30.23 -4.88 4.19
N TYR A 524 -29.32 -4.88 3.22
CA TYR A 524 -28.13 -5.72 3.30
C TYR A 524 -27.00 -5.19 4.16
N LEU A 525 -26.58 -3.96 3.90
CA LEU A 525 -25.48 -3.34 4.63
C LEU A 525 -25.79 -3.01 6.08
N PHE A 526 -27.06 -2.86 6.43
CA PHE A 526 -27.38 -2.53 7.81
C PHE A 526 -28.29 -3.52 8.53
N ASN A 527 -28.34 -4.75 8.03
CA ASN A 527 -29.17 -5.77 8.66
C ASN A 527 -28.70 -5.99 10.10
N TRP A 528 -27.45 -5.62 10.38
CA TRP A 528 -26.87 -5.76 11.71
C TRP A 528 -27.45 -4.76 12.70
N ALA A 529 -27.98 -3.64 12.20
CA ALA A 529 -28.51 -2.59 13.05
C ALA A 529 -29.94 -2.79 13.59
N VAL A 530 -30.61 -3.87 13.19
CA VAL A 530 -31.95 -4.13 13.68
C VAL A 530 -32.02 -5.48 14.37
N LYS A 531 -32.90 -5.60 15.37
CA LYS A 531 -33.05 -6.87 16.10
C LYS A 531 -33.67 -7.94 15.21
N THR A 532 -34.73 -7.59 14.50
CA THR A 532 -35.39 -8.55 13.61
C THR A 532 -34.71 -8.54 12.24
N LYS A 533 -33.72 -9.40 12.09
CA LYS A 533 -32.97 -9.51 10.84
C LYS A 533 -33.83 -9.89 9.64
N LEU A 534 -33.37 -9.51 8.46
CA LEU A 534 -34.04 -9.83 7.21
C LEU A 534 -33.33 -11.04 6.64
N LYS A 535 -34.00 -11.79 5.78
CA LYS A 535 -33.43 -12.99 5.19
C LYS A 535 -32.09 -12.81 4.47
N LEU A 536 -32.03 -11.83 3.56
CA LEU A 536 -30.81 -11.59 2.81
C LEU A 536 -30.42 -12.80 1.97
N THR A 537 -30.79 -12.75 0.69
CA THR A 537 -30.51 -13.84 -0.23
C THR A 537 -29.46 -13.41 -1.25
N PRO A 538 -28.86 -14.37 -1.96
CA PRO A 538 -27.84 -14.07 -2.98
C PRO A 538 -28.28 -13.04 -4.00
N LEU A 539 -27.41 -12.08 -4.29
CA LEU A 539 -27.71 -11.03 -5.25
C LEU A 539 -27.06 -11.35 -6.59
N PRO A 540 -27.58 -10.75 -7.68
CA PRO A 540 -27.02 -10.99 -9.01
C PRO A 540 -25.62 -10.39 -9.15
N GLU A 541 -24.76 -10.69 -8.18
CA GLU A 541 -23.39 -10.21 -8.17
C GLU A 541 -22.47 -11.13 -8.96
N ALA A 542 -23.01 -12.30 -9.33
CA ALA A 542 -22.25 -13.28 -10.09
C ALA A 542 -22.21 -12.76 -11.53
N ARG A 543 -21.87 -11.48 -11.67
CA ARG A 543 -21.80 -10.81 -12.96
C ARG A 543 -20.63 -9.83 -12.95
N LEU A 544 -19.71 -10.03 -12.01
CA LEU A 544 -18.55 -9.15 -11.88
C LEU A 544 -17.26 -9.90 -11.54
N LEU A 545 -16.13 -9.26 -11.82
CA LEU A 545 -14.81 -9.82 -11.55
C LEU A 545 -13.81 -8.66 -11.46
N ASP A 546 -13.02 -8.64 -10.39
CA ASP A 546 -12.04 -7.58 -10.19
C ASP A 546 -10.61 -8.04 -10.42
N LEU A 547 -9.73 -7.09 -10.69
CA LEU A 547 -8.32 -7.37 -10.96
C LEU A 547 -7.50 -7.37 -9.66
N SER A 548 -7.47 -6.23 -8.98
CA SER A 548 -6.72 -6.10 -7.74
C SER A 548 -7.25 -7.02 -6.65
S SO4 B . 2.85 7.16 -13.24
O1 SO4 B . 3.28 5.76 -13.40
O2 SO4 B . 1.48 7.18 -12.71
O3 SO4 B . 3.75 7.84 -12.29
O4 SO4 B . 2.89 7.85 -14.55
S SO4 C . -4.26 16.44 -17.34
O1 SO4 C . -3.75 16.11 -16.00
O2 SO4 C . -5.56 15.79 -17.54
O3 SO4 C . -4.41 17.90 -17.47
O4 SO4 C . -3.30 15.95 -18.36
S SO4 D . -32.66 3.07 -8.63
O1 SO4 D . -32.60 1.83 -7.83
O2 SO4 D . -32.39 2.76 -10.04
O3 SO4 D . -34.02 3.65 -8.50
O4 SO4 D . -31.67 4.04 -8.13
S SO4 E . -36.27 -3.99 15.12
O1 SO4 E . -35.06 -4.05 15.97
O2 SO4 E . -36.33 -5.18 14.26
O3 SO4 E . -37.46 -3.96 16.00
O4 SO4 E . -36.24 -2.78 14.29
S SO4 F . 17.10 19.54 3.14
O1 SO4 F . 17.75 18.64 4.11
O2 SO4 F . 16.43 18.73 2.09
O3 SO4 F . 16.10 20.38 3.83
O4 SO4 F . 18.11 20.40 2.51
S SO4 G . 28.10 9.20 -6.36
O1 SO4 G . 28.94 8.77 -5.24
O2 SO4 G . 28.76 8.84 -7.63
O3 SO4 G . 26.79 8.52 -6.29
O4 SO4 G . 27.90 10.66 -6.30
S SO4 H . -20.55 -5.69 23.74
O1 SO4 H . -19.84 -5.03 24.85
O2 SO4 H . -19.59 -6.02 22.66
O3 SO4 H . -21.17 -6.93 24.23
O4 SO4 H . -21.59 -4.79 23.21
S SO4 I . -8.98 19.29 19.50
O1 SO4 I . -7.90 18.75 20.34
O2 SO4 I . -9.71 18.18 18.86
O3 SO4 I . -9.91 20.07 20.32
O4 SO4 I . -8.40 20.15 18.45
S SO4 J . -1.34 3.30 6.62
O1 SO4 J . -0.20 4.24 6.52
O2 SO4 J . -0.85 1.91 6.52
O3 SO4 J . -2.01 3.49 7.92
O4 SO4 J . -2.30 3.56 5.53
N1 IPC K . -23.96 -7.02 18.33
C2 IPC K . -24.90 -7.75 19.49
C3 IPC K . -26.14 -7.05 19.89
C4 IPC K . -24.16 -8.19 20.85
C5 IPC K . -24.26 -7.27 16.94
O6 IPC K . -25.25 -8.04 16.53
C7 IPC K . -23.45 -6.62 15.62
C8 IPC K . -23.04 -7.58 14.57
C9 IPC K . -22.29 -6.83 13.43
C10 IPC K . -22.07 -5.30 13.47
C11 IPC K . -22.55 -4.59 14.56
C12 IPC K . -23.22 -5.23 15.60
C13 IPC K . -21.35 -4.54 12.38
C14 IPC K . -22.96 -6.24 18.74
C15 IPC K . -21.50 -6.65 18.67
S16 IPC K . -20.43 -5.49 19.23
C17 IPC K . -21.69 -4.38 19.61
C18 IPC K . -22.95 -4.93 19.29
C19 IPC K . -20.92 -7.94 18.17
O20 IPC K . -19.62 -8.23 18.14
O21 IPC K . -21.70 -8.82 17.73
C22 IPC K . -21.41 -3.08 20.18
C23 IPC K . -20.01 -2.65 20.46
C24 IPC K . -19.74 -1.34 21.02
C25 IPC K . -20.84 -0.43 21.33
C26 IPC K . -22.21 -0.83 21.07
C27 IPC K . -22.53 -2.09 20.52
#